data_2Y77
#
_entry.id   2Y77
#
_cell.length_a   125.800
_cell.length_b   125.800
_cell.length_c   125.800
_cell.angle_alpha   90.00
_cell.angle_beta   90.00
_cell.angle_gamma   90.00
#
_symmetry.space_group_name_H-M   'F 2 3'
#
loop_
_entity.id
_entity.type
_entity.pdbx_description
1 polymer '3-DEHYDROQUINATE DEHYDRATASE'
2 non-polymer (1R,4S,5R)-3-(BENZO[B]THIOPHEN-2-YL)METHOXY-1,4,5-TRIHYDROXY-2-(THIEN-2-YL)METHYLCYCLOHEX-2-EN-1-CARBOXYLATE
3 non-polymer 'SULFATE ION'
4 water water
#
_entity_poly.entity_id   1
_entity_poly.type   'polypeptide(L)'
_entity_poly.pdbx_seq_one_letter_code
;SELIVNVINGPNLGRLGRREPAVYGGTTHDELVALIEREAAELGLKAVVRQSDSEAQLLDWIHQAADAAEPVILNAGGLT
HTSVALRDACAELSAPLIEVHISNVHAREEFRRHSYLSPIATGVIVGLGIQGYLLALRYLAEHVGT
;
_entity_poly.pdbx_strand_id   A
#
# COMPACT_ATOMS: atom_id res chain seq x y z
N LEU A 3 -13.07 0.98 -11.49
CA LEU A 3 -11.83 0.38 -12.04
C LEU A 3 -10.55 0.76 -11.29
N ILE A 4 -10.44 1.97 -10.76
CA ILE A 4 -9.09 2.44 -10.32
C ILE A 4 -8.73 2.11 -8.87
N VAL A 5 -7.55 1.52 -8.70
CA VAL A 5 -6.97 1.24 -7.37
C VAL A 5 -5.60 1.91 -7.32
N ASN A 6 -5.40 2.70 -6.27
CA ASN A 6 -4.13 3.35 -6.02
C ASN A 6 -3.25 2.48 -5.15
N VAL A 7 -2.07 2.13 -5.66
CA VAL A 7 -1.09 1.39 -4.88
C VAL A 7 0.02 2.37 -4.53
N ILE A 8 0.19 2.63 -3.24
CA ILE A 8 1.12 3.66 -2.77
C ILE A 8 2.20 3.00 -1.92
N ASN A 9 3.44 3.17 -2.35
CA ASN A 9 4.60 2.63 -1.65
C ASN A 9 5.43 3.75 -1.02
N GLY A 10 5.79 3.56 0.25
CA GLY A 10 6.51 4.57 1.00
C GLY A 10 8.03 4.41 0.99
N PRO A 11 8.70 4.98 1.99
CA PRO A 11 10.15 5.04 2.00
C PRO A 11 10.85 3.71 1.84
N ASN A 12 11.92 3.73 1.06
CA ASN A 12 12.80 2.59 0.80
C ASN A 12 12.27 1.55 -0.19
N LEU A 13 10.99 1.62 -0.56
CA LEU A 13 10.41 0.65 -1.49
C LEU A 13 11.01 0.78 -2.89
N GLY A 14 11.54 1.96 -3.22
CA GLY A 14 12.24 2.14 -4.47
C GLY A 14 13.54 1.35 -4.56
N ARG A 15 14.02 0.86 -3.43
CA ARG A 15 15.26 0.07 -3.34
C ARG A 15 15.04 -1.44 -3.52
N LEU A 16 13.80 -1.87 -3.74
CA LEU A 16 13.51 -3.27 -3.97
C LEU A 16 14.42 -3.84 -5.05
N GLY A 17 14.97 -5.02 -4.79
CA GLY A 17 15.75 -5.74 -5.81
C GLY A 17 17.17 -5.27 -6.01
N ARG A 18 17.50 -4.08 -5.52
CA ARG A 18 18.86 -3.55 -5.55
C ARG A 18 19.56 -4.01 -4.27
N GLY A 26 15.36 -9.73 -5.67
CA GLY A 26 15.58 -9.66 -7.11
C GLY A 26 14.59 -8.79 -7.87
N THR A 27 13.32 -8.82 -7.46
CA THR A 27 12.29 -8.02 -8.09
C THR A 27 12.48 -6.54 -7.76
N THR A 28 12.65 -5.72 -8.79
CA THR A 28 12.86 -4.28 -8.62
C THR A 28 11.50 -3.61 -8.44
N HIS A 29 11.50 -2.35 -8.03
CA HIS A 29 10.23 -1.65 -7.94
C HIS A 29 9.52 -1.56 -9.30
N ASP A 30 10.27 -1.36 -10.38
CA ASP A 30 9.66 -1.29 -11.71
C ASP A 30 8.98 -2.62 -12.06
N GLU A 31 9.63 -3.72 -11.71
CA GLU A 31 9.06 -5.05 -11.95
C GLU A 31 7.82 -5.28 -11.10
N LEU A 32 7.82 -4.77 -9.86
CA LEU A 32 6.62 -4.81 -9.03
C LEU A 32 5.46 -4.07 -9.66
N VAL A 33 5.74 -2.87 -10.18
CA VAL A 33 4.72 -2.11 -10.89
C VAL A 33 4.15 -2.94 -12.05
N ALA A 34 5.05 -3.55 -12.84
CA ALA A 34 4.62 -4.39 -13.96
C ALA A 34 3.72 -5.53 -13.52
N LEU A 35 4.11 -6.24 -12.46
CA LEU A 35 3.32 -7.35 -11.96
C LEU A 35 1.93 -6.90 -11.48
N ILE A 36 1.90 -5.79 -10.75
CA ILE A 36 0.64 -5.24 -10.26
C ILE A 36 -0.27 -4.81 -11.40
N GLU A 37 0.29 -4.12 -12.39
CA GLU A 37 -0.50 -3.64 -13.53
C GLU A 37 -1.13 -4.80 -14.30
N ARG A 38 -0.34 -5.84 -14.55
CA ARG A 38 -0.80 -7.05 -15.24
C ARG A 38 -1.94 -7.71 -14.48
N GLU A 39 -1.74 -7.92 -13.18
CA GLU A 39 -2.80 -8.53 -12.38
C GLU A 39 -4.06 -7.68 -12.36
N ALA A 40 -3.91 -6.38 -12.19
CA ALA A 40 -5.06 -5.47 -12.22
C ALA A 40 -5.83 -5.63 -13.52
N ALA A 41 -5.11 -5.66 -14.65
CA ALA A 41 -5.73 -5.86 -15.97
C ALA A 41 -6.54 -7.15 -15.99
N GLU A 42 -5.93 -8.24 -15.53
CA GLU A 42 -6.62 -9.54 -15.48
C GLU A 42 -7.91 -9.50 -14.63
N LEU A 43 -7.93 -8.65 -13.62
CA LEU A 43 -9.08 -8.52 -12.73
C LEU A 43 -10.08 -7.46 -13.19
N GLY A 44 -9.79 -6.79 -14.30
CA GLY A 44 -10.67 -5.74 -14.82
C GLY A 44 -10.54 -4.41 -14.08
N LEU A 45 -9.38 -4.21 -13.43
CA LEU A 45 -9.08 -2.97 -12.70
C LEU A 45 -7.98 -2.20 -13.42
N LYS A 46 -7.76 -0.95 -13.01
CA LYS A 46 -6.58 -0.20 -13.41
C LYS A 46 -5.83 0.14 -12.13
N ALA A 47 -4.59 -0.33 -12.02
CA ALA A 47 -3.73 0.00 -10.89
C ALA A 47 -2.87 1.20 -11.24
N VAL A 48 -2.85 2.18 -10.34
CA VAL A 48 -1.97 3.35 -10.45
C VAL A 48 -0.96 3.20 -9.32
N VAL A 49 0.28 2.89 -9.65
CA VAL A 49 1.31 2.58 -8.66
C VAL A 49 2.29 3.74 -8.52
N ARG A 50 2.48 4.19 -7.28
CA ARG A 50 3.32 5.35 -7.00
C ARG A 50 4.21 5.05 -5.80
N GLN A 51 5.46 5.52 -5.83
CA GLN A 51 6.39 5.34 -4.71
C GLN A 51 7.08 6.65 -4.40
N SER A 52 7.24 6.95 -3.11
CA SER A 52 8.03 8.12 -2.70
C SER A 52 8.63 7.87 -1.33
N ASP A 53 9.81 8.46 -1.12
CA ASP A 53 10.45 8.50 0.19
C ASP A 53 9.99 9.71 1.02
N SER A 54 9.15 10.57 0.42
CA SER A 54 8.68 11.81 1.03
C SER A 54 7.29 11.64 1.62
N GLU A 55 7.18 11.78 2.94
CA GLU A 55 5.86 11.75 3.61
C GLU A 55 4.88 12.75 2.98
N ALA A 56 5.32 13.98 2.69
CA ALA A 56 4.42 14.96 2.08
C ALA A 56 3.85 14.46 0.76
N GLN A 57 4.67 13.79 -0.06
CA GLN A 57 4.20 13.27 -1.33
C GLN A 57 3.18 12.15 -1.11
N LEU A 58 3.46 11.29 -0.14
CA LEU A 58 2.52 10.23 0.18
C LEU A 58 1.19 10.82 0.65
N LEU A 59 1.24 11.84 1.49
CA LEU A 59 0.03 12.51 1.93
C LEU A 59 -0.76 13.09 0.76
N ASP A 60 -0.08 13.67 -0.22
CA ASP A 60 -0.80 14.24 -1.35
C ASP A 60 -1.52 13.16 -2.15
N TRP A 61 -0.86 12.03 -2.35
CA TRP A 61 -1.49 10.93 -3.08
C TRP A 61 -2.68 10.37 -2.31
N ILE A 62 -2.60 10.33 -0.98
CA ILE A 62 -3.74 9.90 -0.19
C ILE A 62 -4.88 10.92 -0.28
N HIS A 63 -4.55 12.22 -0.23
CA HIS A 63 -5.57 13.27 -0.37
C HIS A 63 -6.31 13.12 -1.71
N GLN A 64 -5.55 12.86 -2.77
CA GLN A 64 -6.15 12.69 -4.11
C GLN A 64 -7.11 11.50 -4.14
N ALA A 65 -6.72 10.41 -3.49
CA ALA A 65 -7.59 9.22 -3.43
C ALA A 65 -8.85 9.48 -2.61
N ALA A 66 -8.72 10.30 -1.56
CA ALA A 66 -9.87 10.71 -0.79
C ALA A 66 -10.82 11.54 -1.67
N ASP A 67 -10.26 12.52 -2.39
CA ASP A 67 -11.10 13.37 -3.25
C ASP A 67 -11.77 12.55 -4.36
N ALA A 68 -11.09 11.52 -4.86
CA ALA A 68 -11.62 10.68 -5.96
C ALA A 68 -12.46 9.49 -5.48
N ALA A 69 -12.58 9.31 -4.16
CA ALA A 69 -13.27 8.16 -3.57
C ALA A 69 -12.74 6.83 -4.14
N GLU A 70 -11.42 6.72 -4.25
CA GLU A 70 -10.77 5.54 -4.79
C GLU A 70 -10.12 4.74 -3.64
N PRO A 71 -10.09 3.41 -3.78
CA PRO A 71 -9.38 2.57 -2.81
C PRO A 71 -7.87 2.72 -2.89
N VAL A 72 -7.21 2.36 -1.80
CA VAL A 72 -5.78 2.47 -1.65
C VAL A 72 -5.21 1.18 -1.10
N ILE A 73 -4.16 0.66 -1.73
CA ILE A 73 -3.31 -0.38 -1.16
C ILE A 73 -2.02 0.34 -0.77
N LEU A 74 -1.70 0.32 0.52
CA LEU A 74 -0.62 1.16 1.05
C LEU A 74 0.42 0.30 1.73
N ASN A 75 1.65 0.38 1.25
CA ASN A 75 2.81 -0.12 1.98
C ASN A 75 3.66 1.09 2.35
N ALA A 76 3.48 1.56 3.58
CA ALA A 76 4.08 2.82 4.00
C ALA A 76 5.54 2.71 4.45
N GLY A 77 6.12 1.50 4.37
CA GLY A 77 7.49 1.30 4.82
C GLY A 77 7.62 1.71 6.28
N GLY A 78 8.72 2.36 6.64
CA GLY A 78 8.95 2.72 8.04
C GLY A 78 7.90 3.62 8.64
N LEU A 79 7.22 4.40 7.79
CA LEU A 79 6.19 5.32 8.27
C LEU A 79 5.00 4.59 8.86
N THR A 80 4.82 3.32 8.49
CA THR A 80 3.79 2.49 9.11
C THR A 80 3.81 2.58 10.62
N HIS A 81 5.02 2.59 11.18
CA HIS A 81 5.21 2.47 12.59
C HIS A 81 5.30 3.81 13.32
N THR A 82 5.41 4.89 12.57
CA THR A 82 5.81 6.18 13.13
C THR A 82 4.89 7.35 12.82
N SER A 83 4.15 7.32 11.73
CA SER A 83 3.48 8.52 11.22
C SER A 83 2.00 8.63 11.57
N VAL A 84 1.69 9.52 12.50
CA VAL A 84 0.30 9.85 12.77
C VAL A 84 -0.26 10.68 11.61
N ALA A 85 0.54 11.56 11.01
CA ALA A 85 0.05 12.36 9.87
C ALA A 85 -0.46 11.47 8.75
N LEU A 86 0.25 10.39 8.44
CA LEU A 86 -0.15 9.49 7.36
C LEU A 86 -1.44 8.75 7.72
N ARG A 87 -1.51 8.23 8.95
CA ARG A 87 -2.74 7.63 9.45
C ARG A 87 -3.91 8.59 9.30
N ASP A 88 -3.74 9.83 9.73
CA ASP A 88 -4.82 10.80 9.71
C ASP A 88 -5.27 11.13 8.28
N ALA A 89 -4.33 11.21 7.34
CA ALA A 89 -4.69 11.41 5.94
C ALA A 89 -5.57 10.24 5.47
N CYS A 90 -5.18 9.04 5.88
CA CYS A 90 -5.86 7.82 5.44
C CYS A 90 -7.25 7.72 6.04
N ALA A 91 -7.46 8.33 7.20
CA ALA A 91 -8.77 8.30 7.83
C ALA A 91 -9.85 9.05 7.01
N GLU A 92 -9.44 9.90 6.06
CA GLU A 92 -10.36 10.60 5.17
C GLU A 92 -10.88 9.71 4.02
N LEU A 93 -10.21 8.60 3.75
CA LEU A 93 -10.61 7.71 2.66
C LEU A 93 -11.99 7.10 2.91
N SER A 94 -12.87 7.20 1.94
CA SER A 94 -14.20 6.58 2.01
C SER A 94 -14.20 5.16 1.43
N ALA A 95 -13.32 4.90 0.47
CA ALA A 95 -13.16 3.57 -0.11
C ALA A 95 -12.19 2.73 0.75
N PRO A 96 -12.11 1.43 0.50
CA PRO A 96 -11.25 0.58 1.32
C PRO A 96 -9.78 0.94 1.28
N LEU A 97 -9.12 0.66 2.40
CA LEU A 97 -7.69 0.83 2.58
C LEU A 97 -7.13 -0.53 2.97
N ILE A 98 -6.25 -1.09 2.17
CA ILE A 98 -5.60 -2.34 2.53
C ILE A 98 -4.14 -2.04 2.79
N GLU A 99 -3.69 -2.38 4.01
CA GLU A 99 -2.30 -2.22 4.41
C GLU A 99 -1.54 -3.47 3.96
N VAL A 100 -0.42 -3.31 3.27
CA VAL A 100 0.40 -4.42 2.83
C VAL A 100 1.84 -4.23 3.32
N HIS A 101 2.43 -5.32 3.80
CA HIS A 101 3.86 -5.42 4.03
C HIS A 101 4.39 -6.66 3.37
N ILE A 102 5.52 -6.53 2.68
CA ILE A 102 6.14 -7.63 1.97
C ILE A 102 6.67 -8.63 3.00
N SER A 103 7.34 -8.14 4.03
CA SER A 103 7.91 -8.96 5.09
C SER A 103 6.88 -9.22 6.17
N ASN A 104 7.14 -10.25 6.98
CA ASN A 104 6.32 -10.48 8.15
C ASN A 104 6.81 -9.57 9.26
N VAL A 105 6.13 -8.43 9.41
CA VAL A 105 6.52 -7.42 10.40
C VAL A 105 6.38 -7.89 11.84
N HIS A 106 5.73 -9.03 12.05
CA HIS A 106 5.61 -9.60 13.40
C HIS A 106 6.75 -10.55 13.77
N ALA A 107 7.67 -10.79 12.85
CA ALA A 107 8.74 -11.74 13.09
C ALA A 107 10.10 -11.13 13.37
N ARG A 108 10.20 -9.81 13.58
CA ARG A 108 11.50 -9.24 13.94
C ARG A 108 11.39 -8.23 15.08
N GLU A 109 11.81 -6.97 14.91
CA GLU A 109 11.87 -6.08 16.05
C GLU A 109 10.48 -5.77 16.58
N GLU A 110 10.37 -5.65 17.89
CA GLU A 110 9.09 -5.30 18.53
C GLU A 110 8.45 -4.06 17.95
N PHE A 111 9.24 -3.03 17.64
CA PHE A 111 8.66 -1.79 17.17
C PHE A 111 7.90 -1.95 15.84
N ARG A 112 8.24 -2.99 15.07
CA ARG A 112 7.55 -3.23 13.78
C ARG A 112 6.18 -3.86 13.94
N ARG A 113 5.88 -4.32 15.14
CA ARG A 113 4.62 -5.02 15.39
C ARG A 113 3.49 -4.06 15.71
N HIS A 114 3.79 -2.76 15.72
CA HIS A 114 2.82 -1.72 15.95
C HIS A 114 2.73 -0.90 14.68
N SER A 115 1.49 -0.77 14.21
CA SER A 115 1.18 0.00 13.03
C SER A 115 0.14 1.06 13.38
N TYR A 116 0.39 2.30 13.01
CA TYR A 116 -0.63 3.34 13.12
C TYR A 116 -1.74 3.15 12.10
N LEU A 117 -1.46 2.39 11.04
CA LEU A 117 -2.43 2.22 9.96
C LEU A 117 -3.44 1.09 10.21
N SER A 118 -3.02 0.01 10.86
CA SER A 118 -3.89 -1.16 10.93
C SER A 118 -5.26 -0.90 11.55
N PRO A 119 -5.32 -0.08 12.62
CA PRO A 119 -6.62 0.13 13.24
C PRO A 119 -7.66 0.83 12.36
N ILE A 120 -7.20 1.57 11.35
CA ILE A 120 -8.09 2.29 10.45
C ILE A 120 -8.18 1.67 9.04
N ALA A 121 -7.42 0.61 8.80
CA ALA A 121 -7.47 -0.11 7.53
C ALA A 121 -8.66 -1.04 7.50
N THR A 122 -9.15 -1.32 6.30
CA THR A 122 -10.09 -2.41 6.10
C THR A 122 -9.45 -3.73 6.52
N GLY A 123 -8.26 -3.99 6.01
CA GLY A 123 -7.53 -5.18 6.37
C GLY A 123 -6.06 -4.99 6.12
N VAL A 124 -5.31 -6.03 6.46
CA VAL A 124 -3.86 -6.00 6.45
C VAL A 124 -3.35 -7.33 5.94
N ILE A 125 -2.38 -7.33 5.03
CA ILE A 125 -1.70 -8.53 4.57
C ILE A 125 -0.21 -8.31 4.81
N VAL A 126 0.43 -9.23 5.51
CA VAL A 126 1.87 -9.17 5.75
C VAL A 126 2.54 -10.51 5.53
N GLY A 127 3.79 -10.46 5.10
CA GLY A 127 4.64 -11.64 5.00
C GLY A 127 4.42 -12.52 3.80
N LEU A 128 3.56 -12.12 2.87
CA LEU A 128 3.29 -12.94 1.68
C LEU A 128 4.06 -12.43 0.46
N GLY A 129 5.09 -11.62 0.71
CA GLY A 129 5.90 -11.09 -0.36
C GLY A 129 5.14 -10.14 -1.26
N ILE A 130 5.65 -9.99 -2.47
CA ILE A 130 5.01 -9.11 -3.43
C ILE A 130 3.62 -9.63 -3.79
N GLN A 131 3.37 -10.93 -3.64
CA GLN A 131 2.03 -11.42 -3.93
C GLN A 131 0.98 -10.76 -3.03
N GLY A 132 1.37 -10.24 -1.87
CA GLY A 132 0.43 -9.51 -1.03
C GLY A 132 -0.31 -8.40 -1.74
N TYR A 133 0.40 -7.66 -2.61
CA TYR A 133 -0.25 -6.61 -3.39
C TYR A 133 -1.30 -7.19 -4.32
N LEU A 134 -0.99 -8.32 -4.93
CA LEU A 134 -1.87 -8.95 -5.91
C LEU A 134 -3.11 -9.51 -5.23
N LEU A 135 -2.93 -10.05 -4.01
CA LEU A 135 -4.05 -10.54 -3.24
C LEU A 135 -4.94 -9.38 -2.77
N ALA A 136 -4.34 -8.25 -2.43
CA ALA A 136 -5.12 -7.07 -2.10
C ALA A 136 -5.95 -6.60 -3.28
N LEU A 137 -5.36 -6.61 -4.48
CA LEU A 137 -6.12 -6.27 -5.68
C LEU A 137 -7.33 -7.18 -5.87
N ARG A 138 -7.13 -8.47 -5.62
CA ARG A 138 -8.21 -9.45 -5.82
C ARG A 138 -9.34 -9.25 -4.81
N TYR A 139 -8.98 -8.89 -3.58
CA TYR A 139 -9.99 -8.49 -2.60
C TYR A 139 -10.85 -7.35 -3.14
N LEU A 140 -10.19 -6.30 -3.62
CA LEU A 140 -10.93 -5.13 -4.10
C LEU A 140 -11.79 -5.48 -5.32
N ALA A 141 -11.29 -6.34 -6.20
CA ALA A 141 -12.04 -6.75 -7.39
C ALA A 141 -13.32 -7.49 -7.03
N GLU A 142 -13.26 -8.35 -6.02
CA GLU A 142 -14.42 -9.17 -5.63
C GLU A 142 -15.39 -8.43 -4.73
N HIS A 143 -15.00 -7.26 -4.24
CA HIS A 143 -15.86 -6.41 -3.43
C HIS A 143 -16.35 -5.20 -4.23
#